data_4JOE
#
_entry.id   4JOE
#
_cell.length_a   36.679
_cell.length_b   47.816
_cell.length_c   97.665
_cell.angle_alpha   90.00
_cell.angle_beta   90.00
_cell.angle_gamma   90.00
#
_symmetry.space_group_name_H-M   'P 21 21 21'
#
loop_
_entity.id
_entity.type
_entity.pdbx_description
1 polymer 'Golgi-associated PDZ and coiled-coil motif-containing protein'
2 polymer 'A-iCAL36 peptide'
3 non-polymer GLYCEROL
4 water water
#
loop_
_entity_poly.entity_id
_entity_poly.type
_entity_poly.pdbx_seq_one_letter_code
_entity_poly.pdbx_strand_id
1 'polypeptide(L)'
;GPIRKVLLLKEDHEGLGISITGGKEHGVPILISEIHPGQPADRCGGLHVGDAILAVNGVNLRDTKHKEAVTILSQQRGEI
EFEVVYV
;
A,B
2 'polypeptide(L)' ANSRAPTSII C,D
#
loop_
_chem_comp.id
_chem_comp.type
_chem_comp.name
_chem_comp.formula
GOL non-polymer GLYCEROL 'C3 H8 O3'
#
# COMPACT_ATOMS: atom_id res chain seq x y z
N GLY A 1 -15.30 10.09 -21.38
CA GLY A 1 -15.25 11.53 -21.25
C GLY A 1 -13.92 12.08 -21.70
N PRO A 2 -13.67 13.38 -21.46
CA PRO A 2 -12.40 13.96 -21.88
C PRO A 2 -11.27 13.52 -20.97
N ILE A 3 -10.08 13.39 -21.54
CA ILE A 3 -8.92 13.14 -20.71
C ILE A 3 -8.61 14.40 -19.90
N ARG A 4 -8.33 14.23 -18.61
CA ARG A 4 -8.04 15.36 -17.73
C ARG A 4 -6.68 15.20 -17.08
N LYS A 5 -6.03 16.32 -16.78
N LYS A 5 -6.06 16.33 -16.79
CA LYS A 5 -4.83 16.31 -15.95
CA LYS A 5 -4.88 16.37 -15.94
C LYS A 5 -5.13 16.96 -14.60
C LYS A 5 -5.31 16.88 -14.58
N VAL A 6 -4.83 16.23 -13.53
CA VAL A 6 -5.25 16.56 -12.18
C VAL A 6 -4.03 16.56 -11.26
N LEU A 7 -3.90 17.59 -10.44
CA LEU A 7 -2.78 17.70 -9.50
C LEU A 7 -3.23 17.24 -8.12
N LEU A 8 -2.38 16.44 -7.47
CA LEU A 8 -2.63 15.96 -6.12
C LEU A 8 -1.43 16.31 -5.26
N LEU A 9 -1.68 16.81 -4.06
CA LEU A 9 -0.63 17.14 -3.10
C LEU A 9 -0.71 16.15 -1.96
N LYS A 10 0.37 15.39 -1.78
CA LYS A 10 0.47 14.30 -0.79
C LYS A 10 1.57 14.67 0.21
N GLU A 11 1.32 14.50 1.49
CA GLU A 11 2.39 14.62 2.45
C GLU A 11 3.09 13.26 2.62
N ASP A 12 4.29 13.29 3.16
CA ASP A 12 5.10 12.08 3.18
C ASP A 12 4.60 10.97 4.13
N HIS A 13 3.72 11.30 5.07
CA HIS A 13 3.21 10.34 6.03
C HIS A 13 1.91 9.70 5.53
N GLU A 14 1.48 10.08 4.33
CA GLU A 14 0.20 9.66 3.76
C GLU A 14 0.36 8.75 2.56
N GLY A 15 -0.68 7.96 2.29
CA GLY A 15 -0.84 7.34 0.99
C GLY A 15 -1.62 8.27 0.06
N LEU A 16 -2.00 7.76 -1.11
CA LEU A 16 -2.77 8.53 -2.06
C LEU A 16 -4.23 8.71 -1.64
N GLY A 17 -4.75 7.73 -0.91
CA GLY A 17 -6.15 7.78 -0.51
C GLY A 17 -7.09 7.25 -1.57
N ILE A 18 -6.63 6.27 -2.36
CA ILE A 18 -7.51 5.62 -3.31
C ILE A 18 -7.39 4.12 -3.21
N SER A 19 -8.42 3.43 -3.68
CA SER A 19 -8.31 2.01 -4.01
C SER A 19 -8.33 1.89 -5.52
N ILE A 20 -7.44 1.05 -6.05
CA ILE A 20 -7.40 0.76 -7.48
C ILE A 20 -7.72 -0.70 -7.76
N THR A 21 -8.37 -0.90 -8.89
CA THR A 21 -8.57 -2.24 -9.37
C THR A 21 -8.11 -2.29 -10.82
N GLY A 22 -8.15 -3.46 -11.41
CA GLY A 22 -7.79 -3.59 -12.81
C GLY A 22 -6.36 -3.98 -13.05
N GLY A 23 -5.92 -3.79 -14.30
CA GLY A 23 -4.59 -4.19 -14.70
C GLY A 23 -4.59 -4.93 -16.03
N LYS A 24 -3.49 -4.77 -16.75
CA LYS A 24 -3.35 -5.34 -18.09
C LYS A 24 -3.63 -6.84 -18.12
N GLU A 25 -3.20 -7.56 -17.11
CA GLU A 25 -3.37 -9.01 -17.10
C GLU A 25 -4.85 -9.40 -16.98
N HIS A 26 -5.68 -8.42 -16.64
CA HIS A 26 -7.12 -8.62 -16.53
C HIS A 26 -7.89 -7.96 -17.66
N GLY A 27 -7.16 -7.37 -18.60
CA GLY A 27 -7.77 -6.76 -19.76
C GLY A 27 -8.55 -5.50 -19.44
N VAL A 28 -8.24 -4.86 -18.32
CA VAL A 28 -8.90 -3.62 -17.96
C VAL A 28 -7.92 -2.59 -17.44
N PRO A 29 -8.27 -1.30 -17.55
CA PRO A 29 -7.38 -0.23 -17.09
C PRO A 29 -7.22 -0.24 -15.59
N ILE A 30 -6.24 0.51 -15.10
CA ILE A 30 -6.14 0.81 -13.69
C ILE A 30 -7.28 1.78 -13.36
N LEU A 31 -8.23 1.33 -12.54
CA LEU A 31 -9.44 2.09 -12.24
C LEU A 31 -9.50 2.47 -10.78
N ILE A 32 -9.92 3.71 -10.50
CA ILE A 32 -10.17 4.12 -9.13
C ILE A 32 -11.52 3.57 -8.68
N SER A 33 -11.50 2.66 -7.73
CA SER A 33 -12.74 2.06 -7.22
C SER A 33 -13.21 2.68 -5.91
N GLU A 34 -12.30 3.35 -5.21
CA GLU A 34 -12.65 4.07 -4.00
C GLU A 34 -11.78 5.30 -3.84
N ILE A 35 -12.36 6.34 -3.26
CA ILE A 35 -11.63 7.51 -2.80
C ILE A 35 -11.91 7.63 -1.31
N HIS A 36 -10.85 7.58 -0.50
N HIS A 36 -10.88 7.62 -0.50
CA HIS A 36 -10.98 7.65 0.96
CA HIS A 36 -11.12 7.58 0.92
C HIS A 36 -11.29 9.06 1.40
C HIS A 36 -11.23 8.98 1.52
N PRO A 37 -12.36 9.24 2.19
CA PRO A 37 -12.67 10.60 2.65
C PRO A 37 -11.54 11.24 3.42
N GLY A 38 -11.19 12.47 3.06
CA GLY A 38 -10.22 13.24 3.81
C GLY A 38 -8.76 13.01 3.44
N GLN A 39 -8.49 12.00 2.63
CA GLN A 39 -7.13 11.69 2.24
C GLN A 39 -6.77 12.44 0.95
N PRO A 40 -5.53 12.33 0.46
CA PRO A 40 -5.11 13.30 -0.55
C PRO A 40 -5.92 13.32 -1.83
N ALA A 41 -6.38 12.19 -2.32
CA ALA A 41 -7.15 12.18 -3.55
C ALA A 41 -8.49 12.90 -3.38
N ASP A 42 -9.14 12.71 -2.24
CA ASP A 42 -10.37 13.43 -1.94
C ASP A 42 -10.08 14.93 -1.88
N ARG A 43 -9.02 15.29 -1.16
CA ARG A 43 -8.69 16.69 -0.96
C ARG A 43 -8.36 17.41 -2.28
N CYS A 44 -7.80 16.71 -3.26
CA CYS A 44 -7.37 17.41 -4.47
C CYS A 44 -8.55 17.84 -5.31
N GLY A 45 -9.69 17.18 -5.12
CA GLY A 45 -10.93 17.58 -5.77
C GLY A 45 -11.21 17.07 -7.18
N GLY A 46 -10.17 16.63 -7.89
CA GLY A 46 -10.30 16.29 -9.30
C GLY A 46 -10.32 14.83 -9.67
N LEU A 47 -10.25 13.94 -8.69
CA LEU A 47 -10.26 12.50 -8.92
C LEU A 47 -11.59 11.92 -8.44
N HIS A 48 -12.12 10.96 -9.20
CA HIS A 48 -13.46 10.41 -8.92
C HIS A 48 -13.47 8.90 -9.07
N VAL A 49 -14.34 8.25 -8.30
CA VAL A 49 -14.56 6.83 -8.49
C VAL A 49 -15.02 6.60 -9.93
N GLY A 50 -14.42 5.62 -10.58
CA GLY A 50 -14.73 5.35 -11.98
C GLY A 50 -13.71 5.90 -12.94
N ASP A 51 -12.83 6.79 -12.47
CA ASP A 51 -11.75 7.29 -13.30
C ASP A 51 -10.74 6.18 -13.59
N ALA A 52 -10.30 6.10 -14.85
CA ALA A 52 -9.15 5.29 -15.23
C ALA A 52 -7.91 6.16 -15.13
N ILE A 53 -6.86 5.61 -14.53
CA ILE A 53 -5.60 6.33 -14.44
C ILE A 53 -4.74 5.96 -15.64
N LEU A 54 -4.57 6.92 -16.54
CA LEU A 54 -3.81 6.71 -17.76
C LEU A 54 -2.32 6.90 -17.56
N ALA A 55 -1.95 7.82 -16.67
CA ALA A 55 -0.54 8.09 -16.40
C ALA A 55 -0.40 8.80 -15.08
N VAL A 56 0.77 8.69 -14.47
CA VAL A 56 1.09 9.45 -13.26
C VAL A 56 2.51 9.99 -13.41
N ASN A 57 2.66 11.29 -13.21
CA ASN A 57 3.94 11.96 -13.38
C ASN A 57 4.63 11.54 -14.67
N GLY A 58 3.86 11.43 -15.75
CA GLY A 58 4.38 11.12 -17.06
C GLY A 58 4.69 9.66 -17.31
N VAL A 59 4.43 8.81 -16.32
CA VAL A 59 4.59 7.37 -16.49
C VAL A 59 3.28 6.75 -16.97
N ASN A 60 3.28 6.17 -18.17
CA ASN A 60 2.08 5.56 -18.73
C ASN A 60 1.67 4.36 -17.90
N LEU A 61 0.39 4.29 -17.54
CA LEU A 61 -0.15 3.15 -16.81
C LEU A 61 -1.17 2.37 -17.63
N ARG A 62 -1.31 2.73 -18.90
N ARG A 62 -1.31 2.71 -18.90
CA ARG A 62 -2.30 2.10 -19.77
CA ARG A 62 -2.33 2.08 -19.73
C ARG A 62 -2.05 0.59 -19.95
C ARG A 62 -2.05 0.60 -20.05
N ASP A 63 -0.79 0.19 -19.98
CA ASP A 63 -0.42 -1.20 -20.25
C ASP A 63 0.24 -1.89 -19.06
N THR A 64 0.02 -1.37 -17.86
CA THR A 64 0.66 -1.91 -16.67
C THR A 64 -0.18 -2.97 -16.00
N LYS A 65 0.49 -4.00 -15.48
CA LYS A 65 -0.17 -4.99 -14.64
C LYS A 65 -0.50 -4.38 -13.29
N HIS A 66 -1.43 -5.01 -12.58
CA HIS A 66 -1.91 -4.47 -11.33
C HIS A 66 -0.79 -4.10 -10.36
N LYS A 67 0.10 -5.05 -10.08
CA LYS A 67 1.15 -4.81 -9.08
C LYS A 67 2.22 -3.85 -9.60
N GLU A 68 2.45 -3.81 -10.91
CA GLU A 68 3.32 -2.80 -11.48
C GLU A 68 2.77 -1.41 -11.16
N ALA A 69 1.47 -1.24 -11.38
CA ALA A 69 0.82 0.05 -11.11
C ALA A 69 0.90 0.44 -9.64
N VAL A 70 0.72 -0.53 -8.75
CA VAL A 70 0.85 -0.25 -7.32
C VAL A 70 2.24 0.30 -7.00
N THR A 71 3.28 -0.37 -7.48
CA THR A 71 4.64 0.08 -7.23
C THR A 71 4.87 1.49 -7.76
N ILE A 72 4.48 1.72 -9.01
CA ILE A 72 4.67 3.03 -9.61
C ILE A 72 3.90 4.12 -8.85
N LEU A 73 2.62 3.88 -8.56
CA LEU A 73 1.81 4.88 -7.90
C LEU A 73 2.32 5.18 -6.49
N SER A 74 2.68 4.15 -5.74
CA SER A 74 3.13 4.34 -4.37
C SER A 74 4.50 5.02 -4.28
N GLN A 75 5.29 5.00 -5.35
CA GLN A 75 6.61 5.66 -5.37
C GLN A 75 6.50 7.18 -5.46
N GLN A 76 5.38 7.68 -5.94
CA GLN A 76 5.29 9.12 -6.22
C GLN A 76 5.15 9.91 -4.92
N ARG A 77 5.80 11.07 -4.86
CA ARG A 77 5.78 11.90 -3.66
C ARG A 77 5.43 13.35 -3.96
N GLY A 78 4.83 14.01 -2.97
CA GLY A 78 4.68 15.45 -3.03
C GLY A 78 3.60 15.93 -3.97
N GLU A 79 4.01 16.68 -5.00
CA GLU A 79 3.09 17.21 -5.99
C GLU A 79 3.04 16.25 -7.15
N ILE A 80 1.91 15.57 -7.31
CA ILE A 80 1.82 14.44 -8.21
C ILE A 80 0.77 14.72 -9.28
N GLU A 81 1.15 14.60 -10.54
CA GLU A 81 0.23 14.88 -11.63
C GLU A 81 -0.37 13.60 -12.18
N PHE A 82 -1.70 13.55 -12.27
CA PHE A 82 -2.40 12.41 -12.83
C PHE A 82 -3.01 12.76 -14.16
N GLU A 83 -3.04 11.79 -15.07
CA GLU A 83 -3.81 11.91 -16.29
C GLU A 83 -4.89 10.84 -16.20
N VAL A 84 -6.15 11.26 -16.24
CA VAL A 84 -7.27 10.38 -15.94
C VAL A 84 -8.39 10.59 -16.93
N VAL A 85 -9.29 9.61 -17.01
CA VAL A 85 -10.47 9.75 -17.85
C VAL A 85 -11.62 8.94 -17.25
N TYR A 86 -12.81 9.54 -17.26
CA TYR A 86 -14.01 8.86 -16.79
C TYR A 86 -14.77 8.33 -18.00
N VAL A 87 -14.94 7.01 -18.05
CA VAL A 87 -15.72 6.35 -19.09
C VAL A 87 -16.97 5.73 -18.48
N GLY B 1 -9.58 2.98 8.78
CA GLY B 1 -8.74 4.15 8.84
C GLY B 1 -7.90 4.31 7.59
N PRO B 2 -7.14 5.41 7.50
CA PRO B 2 -6.32 5.74 6.34
C PRO B 2 -4.94 5.09 6.37
N ILE B 3 -4.33 4.99 5.21
CA ILE B 3 -2.94 4.55 5.15
C ILE B 3 -2.06 5.54 5.88
N ARG B 4 -1.11 5.01 6.64
CA ARG B 4 -0.06 5.82 7.23
C ARG B 4 1.29 5.28 6.79
N LYS B 5 2.25 6.18 6.60
CA LYS B 5 3.64 5.76 6.44
C LYS B 5 4.38 6.16 7.70
N VAL B 6 5.04 5.19 8.31
CA VAL B 6 5.62 5.31 9.63
C VAL B 6 7.10 4.91 9.57
N LEU B 7 7.96 5.75 10.14
CA LEU B 7 9.39 5.44 10.22
C LEU B 7 9.72 4.75 11.53
N LEU B 8 10.56 3.74 11.43
CA LEU B 8 11.08 3.03 12.58
C LEU B 8 12.60 3.08 12.45
N LEU B 9 13.31 3.31 13.55
CA LEU B 9 14.76 3.25 13.52
C LEU B 9 15.26 1.99 14.20
N LYS B 10 15.91 1.13 13.42
CA LYS B 10 16.37 -0.16 13.90
C LYS B 10 17.89 -0.20 13.91
N GLU B 11 18.47 -0.44 15.08
CA GLU B 11 19.90 -0.66 15.18
C GLU B 11 20.21 -2.04 14.62
N ASP B 12 21.38 -2.20 14.02
CA ASP B 12 21.74 -3.47 13.39
C ASP B 12 21.69 -4.64 14.37
N HIS B 13 21.89 -4.35 15.65
CA HIS B 13 21.98 -5.40 16.65
C HIS B 13 20.63 -5.83 17.22
N GLU B 14 19.56 -5.11 16.87
CA GLU B 14 18.25 -5.40 17.44
C GLU B 14 17.21 -5.73 16.39
N GLY B 15 16.16 -6.44 16.81
CA GLY B 15 15.03 -6.71 15.95
C GLY B 15 14.03 -5.58 15.97
N LEU B 16 12.99 -5.69 15.16
CA LEU B 16 11.96 -4.66 15.04
C LEU B 16 11.03 -4.69 16.26
N GLY B 17 10.83 -5.86 16.83
CA GLY B 17 9.92 -6.02 17.96
C GLY B 17 8.46 -6.11 17.55
N ILE B 18 8.18 -6.98 16.58
CA ILE B 18 6.83 -7.13 16.02
C ILE B 18 6.55 -8.62 15.81
N SER B 19 5.38 -9.08 16.24
CA SER B 19 4.90 -10.40 15.84
C SER B 19 3.97 -10.24 14.65
N ILE B 20 4.12 -11.15 13.68
CA ILE B 20 3.46 -11.10 12.39
C ILE B 20 2.63 -12.36 12.18
N THR B 21 1.41 -12.20 11.68
CA THR B 21 0.65 -13.33 11.19
C THR B 21 0.08 -13.00 9.81
N GLY B 22 -0.65 -13.95 9.23
CA GLY B 22 -1.32 -13.73 7.96
C GLY B 22 -0.42 -13.95 6.75
N GLY B 23 -0.87 -13.43 5.61
CA GLY B 23 -0.16 -13.64 4.36
C GLY B 23 -1.04 -14.26 3.29
N LYS B 24 -0.55 -14.22 2.06
CA LYS B 24 -1.33 -14.58 0.88
C LYS B 24 -1.96 -15.95 0.96
N GLU B 25 -1.20 -16.93 1.46
CA GLU B 25 -1.67 -18.29 1.44
C GLU B 25 -2.78 -18.51 2.46
N HIS B 26 -3.05 -17.48 3.26
CA HIS B 26 -4.13 -17.54 4.24
C HIS B 26 -5.26 -16.55 3.90
N GLY B 27 -5.15 -15.89 2.75
CA GLY B 27 -6.20 -15.03 2.24
C GLY B 27 -6.39 -13.73 3.00
N VAL B 28 -5.40 -13.35 3.79
CA VAL B 28 -5.46 -12.11 4.55
C VAL B 28 -4.12 -11.38 4.48
N PRO B 29 -4.11 -10.10 4.83
CA PRO B 29 -2.85 -9.35 4.78
C PRO B 29 -1.81 -9.84 5.77
N ILE B 30 -0.59 -9.36 5.58
CA ILE B 30 0.43 -9.45 6.61
C ILE B 30 -0.04 -8.54 7.76
N LEU B 31 -0.20 -9.13 8.94
CA LEU B 31 -0.85 -8.45 10.06
C LEU B 31 0.04 -8.41 11.29
N ILE B 32 0.05 -7.27 11.98
CA ILE B 32 0.74 -7.16 13.24
C ILE B 32 -0.13 -7.76 14.34
N SER B 33 0.37 -8.81 14.99
CA SER B 33 -0.36 -9.47 16.05
C SER B 33 0.13 -9.10 17.44
N GLU B 34 1.37 -8.60 17.53
CA GLU B 34 1.93 -8.14 18.80
C GLU B 34 2.94 -7.04 18.59
N ILE B 35 2.95 -6.07 19.50
CA ILE B 35 3.97 -5.04 19.54
C ILE B 35 4.75 -5.22 20.84
N HIS B 36 6.04 -5.54 20.74
CA HIS B 36 6.85 -5.85 21.92
C HIS B 36 7.39 -4.58 22.63
N PRO B 37 7.13 -4.47 23.94
CA PRO B 37 7.57 -3.31 24.74
C PRO B 37 9.05 -2.94 24.62
N GLY B 38 9.32 -1.66 24.35
CA GLY B 38 10.68 -1.13 24.37
C GLY B 38 11.50 -1.24 23.10
N GLN B 39 11.06 -2.06 22.16
CA GLN B 39 11.80 -2.27 20.92
C GLN B 39 11.40 -1.22 19.87
N PRO B 40 12.10 -1.19 18.73
CA PRO B 40 11.89 -0.13 17.74
C PRO B 40 10.42 0.15 17.38
N ALA B 41 9.62 -0.88 17.17
CA ALA B 41 8.22 -0.67 16.78
C ALA B 41 7.40 0.03 17.85
N ASP B 42 7.57 -0.41 19.10
CA ASP B 42 6.91 0.24 20.21
C ASP B 42 7.37 1.70 20.32
N ARG B 43 8.69 1.90 20.21
CA ARG B 43 9.28 3.22 20.41
C ARG B 43 8.76 4.26 19.40
N CYS B 44 8.48 3.84 18.17
CA CYS B 44 8.03 4.77 17.15
C CYS B 44 6.58 5.23 17.38
N GLY B 45 5.84 4.45 18.17
CA GLY B 45 4.49 4.81 18.54
C GLY B 45 3.46 4.89 17.42
N GLY B 46 3.82 4.41 16.24
CA GLY B 46 2.94 4.50 15.09
C GLY B 46 2.50 3.17 14.49
N LEU B 47 2.90 2.07 15.12
CA LEU B 47 2.54 0.72 14.66
C LEU B 47 1.78 0.01 15.76
N HIS B 48 0.66 -0.62 15.40
CA HIS B 48 -0.26 -1.17 16.39
C HIS B 48 -0.81 -2.54 16.01
N VAL B 49 -1.19 -3.30 17.02
CA VAL B 49 -1.85 -4.58 16.80
C VAL B 49 -3.08 -4.41 15.93
N GLY B 50 -3.18 -5.23 14.89
CA GLY B 50 -4.29 -5.16 13.97
C GLY B 50 -3.97 -4.42 12.68
N ASP B 51 -2.87 -3.68 12.67
CA ASP B 51 -2.40 -3.02 11.44
C ASP B 51 -2.02 -4.07 10.40
N ALA B 52 -2.42 -3.82 9.16
CA ALA B 52 -1.91 -4.55 8.02
C ALA B 52 -0.67 -3.83 7.49
N ILE B 53 0.39 -4.59 7.24
CA ILE B 53 1.58 -4.05 6.61
C ILE B 53 1.42 -4.21 5.10
N LEU B 54 1.18 -3.10 4.42
CA LEU B 54 0.99 -3.09 2.98
C LEU B 54 2.31 -3.11 2.24
N ALA B 55 3.30 -2.42 2.77
CA ALA B 55 4.62 -2.34 2.13
C ALA B 55 5.66 -1.97 3.16
N VAL B 56 6.91 -2.30 2.87
CA VAL B 56 8.04 -1.86 3.70
C VAL B 56 9.15 -1.39 2.78
N ASN B 57 9.62 -0.17 3.00
CA ASN B 57 10.62 0.45 2.14
C ASN B 57 10.32 0.27 0.64
N GLY B 58 9.05 0.44 0.30
CA GLY B 58 8.64 0.35 -1.09
C GLY B 58 8.58 -1.05 -1.67
N VAL B 59 8.62 -2.06 -0.81
CA VAL B 59 8.36 -3.44 -1.23
C VAL B 59 6.90 -3.74 -0.94
N ASN B 60 6.11 -3.96 -1.99
CA ASN B 60 4.68 -4.24 -1.84
C ASN B 60 4.47 -5.64 -1.29
N LEU B 61 3.82 -5.74 -0.12
CA LEU B 61 3.59 -7.02 0.54
C LEU B 61 2.09 -7.35 0.57
N ARG B 62 1.31 -6.71 -0.29
CA ARG B 62 -0.13 -6.99 -0.33
C ARG B 62 -0.46 -8.38 -0.84
N ASP B 63 0.43 -8.99 -1.62
CA ASP B 63 0.15 -10.29 -2.20
C ASP B 63 1.37 -11.20 -2.12
N THR B 64 1.89 -11.36 -0.91
CA THR B 64 3.08 -12.14 -0.65
C THR B 64 2.79 -13.14 0.46
N LYS B 65 3.30 -14.35 0.32
CA LYS B 65 3.14 -15.35 1.37
C LYS B 65 3.88 -14.98 2.64
N HIS B 66 3.42 -15.56 3.74
CA HIS B 66 3.96 -15.26 5.06
C HIS B 66 5.49 -15.30 5.12
N LYS B 67 6.06 -16.45 4.75
CA LYS B 67 7.49 -16.65 4.91
C LYS B 67 8.31 -15.60 4.15
N GLU B 68 7.95 -15.35 2.90
CA GLU B 68 8.70 -14.41 2.08
C GLU B 68 8.54 -12.98 2.60
N ALA B 69 7.36 -12.63 3.07
CA ALA B 69 7.16 -11.30 3.61
C ALA B 69 8.05 -11.11 4.84
N VAL B 70 8.08 -12.11 5.70
CA VAL B 70 8.88 -12.05 6.92
C VAL B 70 10.36 -11.93 6.57
N THR B 71 10.81 -12.68 5.58
CA THR B 71 12.20 -12.59 5.14
C THR B 71 12.55 -11.18 4.67
N ILE B 72 11.72 -10.61 3.80
CA ILE B 72 11.94 -9.23 3.34
C ILE B 72 11.96 -8.24 4.49
N LEU B 73 10.99 -8.35 5.38
CA LEU B 73 10.93 -7.48 6.54
C LEU B 73 12.21 -7.55 7.35
N SER B 74 12.71 -8.77 7.56
N SER B 74 12.72 -8.77 7.55
CA SER B 74 13.87 -9.01 8.38
CA SER B 74 13.88 -8.99 8.40
C SER B 74 15.15 -8.41 7.81
C SER B 74 15.21 -8.58 7.77
N GLN B 75 15.19 -8.28 6.48
CA GLN B 75 16.38 -7.78 5.78
C GLN B 75 16.52 -6.28 5.85
N GLN B 76 15.47 -5.60 6.29
CA GLN B 76 15.50 -4.14 6.32
C GLN B 76 16.40 -3.63 7.44
N ARG B 77 17.07 -2.50 7.18
CA ARG B 77 18.03 -1.95 8.13
C ARG B 77 17.88 -0.44 8.26
N GLY B 78 18.30 0.09 9.41
CA GLY B 78 18.35 1.53 9.63
C GLY B 78 16.98 2.15 9.82
N GLU B 79 16.75 3.26 9.12
CA GLU B 79 15.48 3.95 9.19
C GLU B 79 14.53 3.34 8.16
N ILE B 80 13.51 2.63 8.64
CA ILE B 80 12.69 1.77 7.80
C ILE B 80 11.27 2.33 7.71
N GLU B 81 10.76 2.48 6.50
CA GLU B 81 9.41 3.01 6.31
C GLU B 81 8.39 1.89 6.18
N PHE B 82 7.40 1.89 7.06
CA PHE B 82 6.29 0.96 6.98
C PHE B 82 5.07 1.68 6.42
N GLU B 83 4.42 1.07 5.43
CA GLU B 83 3.15 1.56 4.93
C GLU B 83 2.07 0.64 5.51
N VAL B 84 1.23 1.20 6.38
CA VAL B 84 0.28 0.40 7.14
C VAL B 84 -1.12 0.96 7.07
N VAL B 85 -2.10 0.10 7.33
CA VAL B 85 -3.48 0.54 7.41
C VAL B 85 -4.24 -0.31 8.41
N TYR B 86 -5.15 0.32 9.15
CA TYR B 86 -6.07 -0.37 10.02
C TYR B 86 -7.44 -0.17 9.37
N VAL B 87 -7.89 -1.17 8.61
CA VAL B 87 -9.10 -1.01 7.81
C VAL B 87 -10.35 -0.93 8.68
N ALA C 1 -15.43 -3.53 -17.27
CA ALA C 1 -14.44 -3.79 -16.24
C ALA C 1 -14.28 -5.29 -16.02
N ASN C 2 -13.66 -5.66 -14.90
CA ASN C 2 -13.38 -7.06 -14.61
C ASN C 2 -13.41 -7.34 -13.10
N SER C 3 -14.52 -7.90 -12.63
CA SER C 3 -14.70 -8.17 -11.21
C SER C 3 -13.64 -9.11 -10.66
N ARG C 4 -12.95 -9.79 -11.56
CA ARG C 4 -11.93 -10.77 -11.18
C ARG C 4 -10.58 -10.13 -10.87
N ALA C 5 -10.42 -8.86 -11.25
CA ALA C 5 -9.19 -8.13 -10.94
C ALA C 5 -9.15 -7.83 -9.46
N PRO C 6 -7.95 -7.80 -8.88
CA PRO C 6 -7.87 -7.50 -7.45
C PRO C 6 -7.99 -6.01 -7.20
N THR C 7 -8.06 -5.66 -5.93
CA THR C 7 -8.14 -4.29 -5.49
C THR C 7 -7.03 -4.04 -4.48
N SER C 8 -6.32 -2.93 -4.64
CA SER C 8 -5.28 -2.53 -3.70
C SER C 8 -5.60 -1.14 -3.16
N ILE C 9 -5.43 -1.00 -1.85
CA ILE C 9 -5.57 0.28 -1.17
C ILE C 9 -4.19 0.93 -1.19
N ILE C 10 -4.11 2.16 -1.70
CA ILE C 10 -2.84 2.86 -1.90
C ILE C 10 -2.90 4.35 -1.55
N ALA D 1 -11.72 -19.89 10.00
CA ALA D 1 -10.66 -20.34 9.09
C ALA D 1 -9.32 -19.73 9.46
N ASN D 2 -8.43 -19.59 8.47
CA ASN D 2 -7.08 -19.09 8.72
C ASN D 2 -6.35 -20.00 9.71
N SER D 3 -6.73 -21.26 9.74
CA SER D 3 -6.30 -22.18 10.80
C SER D 3 -4.83 -22.60 10.74
N ARG D 4 -4.17 -22.29 9.63
N ARG D 4 -4.16 -22.30 9.63
CA ARG D 4 -2.79 -22.71 9.42
CA ARG D 4 -2.77 -22.72 9.48
C ARG D 4 -1.79 -21.54 9.44
C ARG D 4 -1.80 -21.53 9.42
N ALA D 5 -2.32 -20.33 9.64
CA ALA D 5 -1.48 -19.14 9.67
C ALA D 5 -0.50 -19.20 10.84
N PRO D 6 0.81 -19.13 10.55
CA PRO D 6 1.82 -19.19 11.61
C PRO D 6 2.06 -17.81 12.21
N THR D 7 2.91 -17.77 13.24
CA THR D 7 3.36 -16.51 13.80
C THR D 7 4.87 -16.42 13.67
N SER D 8 5.34 -15.28 13.19
CA SER D 8 6.76 -15.00 13.11
C SER D 8 7.05 -13.77 13.96
N ILE D 9 8.30 -13.64 14.38
CA ILE D 9 8.74 -12.45 15.06
C ILE D 9 9.89 -11.82 14.29
N ILE D 10 9.86 -10.50 14.18
CA ILE D 10 10.88 -9.77 13.46
C ILE D 10 11.40 -8.61 14.30
C1 GOL E . 5.56 -3.90 -18.22
O1 GOL E . 4.23 -3.44 -18.08
C2 GOL E . 5.57 -5.33 -18.72
O2 GOL E . 4.97 -6.19 -17.76
C3 GOL E . 7.02 -5.74 -18.98
O3 GOL E . 7.04 -7.02 -19.58
C1 GOL F . 2.85 18.50 -0.78
O1 GOL F . 2.58 19.87 -1.03
C2 GOL F . 4.25 18.35 -0.19
O2 GOL F . 4.29 18.99 1.07
C3 GOL F . 5.25 19.06 -1.10
O3 GOL F . 5.46 18.31 -2.27
#